data_2CIY
#
_entry.id   2CIY
#
_cell.length_a   58.210
_cell.length_b   151.030
_cell.length_c   101.110
_cell.angle_alpha   90.00
_cell.angle_beta   90.00
_cell.angle_gamma   90.00
#
_symmetry.space_group_name_H-M   'C 2 2 21'
#
loop_
_entity.id
_entity.type
_entity.pdbx_description
1 polymer CHLOROPEROXIDASE
2 branched 2-acetamido-2-deoxy-beta-D-glucopyranose-(1-4)-2-acetamido-2-deoxy-beta-D-glucopyranose
3 branched alpha-D-mannopyranose-(1-2)-alpha-D-mannopyranose
4 non-polymer 'MANGANESE (II) ION'
5 non-polymer 'PROTOPORPHYRIN IX CONTAINING FE'
6 non-polymer 2-acetamido-2-deoxy-beta-D-glucopyranose
7 non-polymer alpha-D-mannopyranose
8 non-polymer 'BROMIDE ION'
9 non-polymer 1,2-ETHANEDIOL
10 non-polymer 'CYANIDE ION'
11 non-polymer 'DIMETHYL SULFOXIDE'
12 water water
#
_entity_poly.entity_id   1
_entity_poly.type   'polypeptide(L)'
_entity_poly.pdbx_seq_one_letter_code
;(PCA)EPGSGIGYPYDNNTLPYVAPGPTDSRAPCPALNALANHGYIPHDGRAISRETLQNAFLNHMGIANSVIELALTNA
FVVCEYVTGSDCGDSLVNLTLLAEPHAFEHDHSFSRKDYKQGVANSNDFIDNRNFDAETFQTSLDVVAGKTHFDYADMNE
IRLQRESLSNELDFPGWFTESKPIQNVESGFIFALVSDFNLPDNDENPLVRIDWWKYWFTNESFPYHLGWHPPSPAREIE
FVTSASSAVLAASVTSTPSSLPSGAIGPGAEAVPLSFASTMTPFLLATNAPYYAQDPTLGPND
;
_entity_poly.pdbx_strand_id   A
#
loop_
_chem_comp.id
_chem_comp.type
_chem_comp.name
_chem_comp.formula
BR non-polymer 'BROMIDE ION' 'Br -1'
CYN non-polymer 'CYANIDE ION' 'C N -1'
DMS non-polymer 'DIMETHYL SULFOXIDE' 'C2 H6 O S'
EDO non-polymer 1,2-ETHANEDIOL 'C2 H6 O2'
HEM non-polymer 'PROTOPORPHYRIN IX CONTAINING FE' 'C34 H32 Fe N4 O4'
MAN D-saccharide, alpha linking alpha-D-mannopyranose 'C6 H12 O6'
MN non-polymer 'MANGANESE (II) ION' 'Mn 2'
NAG D-saccharide, beta linking 2-acetamido-2-deoxy-beta-D-glucopyranose 'C8 H15 N O6'
#
# COMPACT_ATOMS: atom_id res chain seq x y z
N PCA A 1 13.56 -14.53 3.70
CA PCA A 1 14.28 -15.33 4.70
CB PCA A 1 13.40 -16.51 5.11
CG PCA A 1 11.97 -16.03 4.86
CD PCA A 1 12.17 -14.84 3.94
OE PCA A 1 11.22 -14.21 3.44
C PCA A 1 15.64 -15.79 4.16
O PCA A 1 15.87 -15.76 2.95
N GLU A 2 16.53 -16.22 5.05
CA GLU A 2 17.81 -16.79 4.61
C GLU A 2 17.55 -17.89 3.58
N PRO A 3 18.28 -17.89 2.46
CA PRO A 3 17.97 -18.83 1.40
C PRO A 3 17.92 -20.29 1.87
N GLY A 4 18.82 -20.68 2.78
CA GLY A 4 18.85 -22.07 3.24
C GLY A 4 17.73 -22.46 4.19
N SER A 5 16.94 -21.48 4.65
CA SER A 5 15.89 -21.72 5.65
C SER A 5 14.73 -22.55 5.11
N GLY A 6 14.52 -22.48 3.80
CA GLY A 6 13.37 -23.11 3.14
C GLY A 6 12.01 -22.56 3.55
N ILE A 7 12.00 -21.43 4.26
CA ILE A 7 10.74 -20.84 4.72
C ILE A 7 9.75 -20.56 3.56
N GLY A 8 10.29 -20.11 2.42
CA GLY A 8 9.45 -19.89 1.23
C GLY A 8 9.03 -21.11 0.40
N TYR A 9 9.68 -22.24 0.61
CA TYR A 9 9.47 -23.43 -0.22
C TYR A 9 8.10 -24.05 -0.03
N PRO A 10 7.48 -24.56 -1.13
CA PRO A 10 7.91 -24.58 -2.52
C PRO A 10 7.36 -23.41 -3.37
N TYR A 11 6.91 -22.35 -2.71
CA TYR A 11 6.29 -21.20 -3.39
C TYR A 11 7.31 -20.17 -3.85
N ASP A 12 8.33 -19.95 -3.01
CA ASP A 12 9.45 -19.09 -3.38
C ASP A 12 10.69 -19.90 -3.01
N ASN A 13 11.41 -20.35 -4.03
CA ASN A 13 12.60 -21.17 -3.83
C ASN A 13 13.94 -20.40 -3.79
N ASN A 14 13.86 -19.07 -3.74
N ASN A 14 13.84 -19.08 -3.71
CA ASN A 14 15.07 -18.24 -3.78
CA ASN A 14 15.00 -18.20 -3.84
C ASN A 14 14.92 -17.00 -2.94
C ASN A 14 14.85 -16.97 -2.95
N THR A 15 14.71 -17.20 -1.64
CA THR A 15 14.49 -16.08 -0.71
C THR A 15 15.78 -15.37 -0.29
N LEU A 16 15.63 -14.16 0.24
CA LEU A 16 16.73 -13.38 0.79
C LEU A 16 16.24 -12.83 2.12
N PRO A 17 17.14 -12.60 3.05
CA PRO A 17 16.71 -12.21 4.41
C PRO A 17 16.20 -10.77 4.49
N TYR A 18 15.38 -10.53 5.50
CA TYR A 18 14.97 -9.20 5.91
C TYR A 18 16.19 -8.46 6.42
N VAL A 19 16.38 -7.24 5.93
CA VAL A 19 17.38 -6.32 6.48
C VAL A 19 16.68 -4.96 6.67
N ALA A 20 16.69 -4.44 7.90
CA ALA A 20 16.02 -3.16 8.19
C ALA A 20 16.66 -2.04 7.36
N PRO A 21 15.84 -1.07 6.93
CA PRO A 21 16.40 0.10 6.22
C PRO A 21 17.21 0.96 7.19
N GLY A 22 18.38 1.41 6.74
CA GLY A 22 19.19 2.40 7.45
C GLY A 22 18.77 3.83 7.16
N PRO A 23 19.28 4.81 7.95
CA PRO A 23 18.89 6.21 7.84
C PRO A 23 19.01 6.83 6.45
N THR A 24 19.94 6.34 5.64
CA THR A 24 20.13 6.91 4.30
C THR A 24 19.35 6.15 3.21
N ASP A 25 18.76 5.01 3.56
CA ASP A 25 17.96 4.25 2.58
C ASP A 25 16.66 4.98 2.23
N SER A 26 16.22 4.85 0.98
CA SER A 26 14.94 5.40 0.54
C SER A 26 13.81 4.37 0.68
N ARG A 27 12.73 4.80 1.34
CA ARG A 27 11.53 3.95 1.42
C ARG A 27 10.30 4.69 0.90
N ALA A 28 9.27 3.92 0.61
CA ALA A 28 8.04 4.37 -0.07
C ALA A 28 6.89 4.56 0.97
N PRO A 29 5.75 5.11 0.50
CA PRO A 29 4.49 5.04 1.26
C PRO A 29 3.75 3.73 1.05
N CYS A 30 4.39 2.79 0.34
CA CYS A 30 3.78 1.51 -0.05
C CYS A 30 4.37 0.36 0.79
N PRO A 31 3.50 -0.38 1.52
CA PRO A 31 3.98 -1.51 2.33
C PRO A 31 4.52 -2.66 1.47
N ALA A 32 4.05 -2.79 0.22
CA ALA A 32 4.58 -3.83 -0.66
C ALA A 32 6.01 -3.50 -1.12
N LEU A 33 6.20 -2.29 -1.67
CA LEU A 33 7.53 -1.88 -2.12
C LEU A 33 8.53 -1.93 -0.97
N ASN A 34 8.09 -1.50 0.21
CA ASN A 34 9.01 -1.48 1.36
C ASN A 34 9.45 -2.89 1.75
N ALA A 35 8.50 -3.84 1.73
CA ALA A 35 8.85 -5.25 2.03
C ALA A 35 9.84 -5.81 1.00
N LEU A 36 9.58 -5.52 -0.27
CA LEU A 36 10.47 -5.97 -1.34
C LEU A 36 11.89 -5.41 -1.17
N ALA A 37 11.98 -4.11 -0.90
CA ALA A 37 13.27 -3.43 -0.69
C ALA A 37 14.01 -3.95 0.56
N ASN A 38 13.26 -4.21 1.64
CA ASN A 38 13.82 -4.74 2.88
C ASN A 38 14.46 -6.12 2.68
N HIS A 39 13.97 -6.86 1.69
CA HIS A 39 14.55 -8.15 1.31
C HIS A 39 15.56 -8.10 0.16
N GLY A 40 15.77 -6.91 -0.39
CA GLY A 40 16.68 -6.74 -1.53
C GLY A 40 16.18 -7.32 -2.84
N TYR A 41 14.87 -7.60 -2.92
CA TYR A 41 14.27 -8.05 -4.18
C TYR A 41 14.17 -6.88 -5.16
N ILE A 42 14.03 -5.68 -4.62
CA ILE A 42 14.39 -4.46 -5.33
C ILE A 42 15.52 -3.86 -4.47
N PRO A 43 16.30 -2.89 -5.02
CA PRO A 43 17.48 -2.44 -4.25
C PRO A 43 17.22 -2.07 -2.78
N HIS A 44 18.05 -2.57 -1.87
N HIS A 44 18.08 -2.60 -1.90
CA HIS A 44 17.85 -2.27 -0.44
CA HIS A 44 18.05 -2.35 -0.45
C HIS A 44 17.88 -0.78 -0.18
C HIS A 44 18.01 -0.85 -0.12
N ASP A 45 18.67 -0.04 -0.96
CA ASP A 45 18.73 1.41 -0.77
C ASP A 45 17.51 2.19 -1.32
N GLY A 46 16.62 1.47 -2.02
CA GLY A 46 15.41 2.05 -2.62
C GLY A 46 15.64 3.05 -3.75
N ARG A 47 16.75 2.90 -4.49
CA ARG A 47 17.10 3.82 -5.58
C ARG A 47 17.37 3.11 -6.90
N ALA A 48 17.12 3.85 -7.99
CA ALA A 48 17.49 3.45 -9.35
C ALA A 48 16.88 2.11 -9.77
N ILE A 49 15.56 2.07 -9.84
CA ILE A 49 14.78 0.83 -9.97
C ILE A 49 14.08 0.74 -11.32
N SER A 50 14.34 -0.35 -12.04
CA SER A 50 13.72 -0.54 -13.37
C SER A 50 12.37 -1.23 -13.31
N ARG A 51 11.61 -1.11 -14.39
CA ARG A 51 10.32 -1.78 -14.47
C ARG A 51 10.48 -3.29 -14.32
N GLU A 52 11.46 -3.90 -15.00
CA GLU A 52 11.62 -5.36 -14.94
C GLU A 52 12.01 -5.83 -13.53
N THR A 53 12.83 -5.04 -12.83
CA THR A 53 13.21 -5.38 -11.47
C THR A 53 11.95 -5.46 -10.61
N LEU A 54 11.07 -4.47 -10.76
CA LEU A 54 9.79 -4.46 -10.03
C LEU A 54 8.90 -5.65 -10.44
N GLN A 55 8.75 -5.87 -11.75
CA GLN A 55 7.92 -7.00 -12.22
C GLN A 55 8.38 -8.33 -11.65
N ASN A 56 9.68 -8.61 -11.77
CA ASN A 56 10.25 -9.89 -11.30
C ASN A 56 10.05 -10.05 -9.78
N ALA A 57 10.30 -8.97 -9.04
CA ALA A 57 10.20 -9.00 -7.59
C ALA A 57 8.77 -9.34 -7.15
N PHE A 58 7.77 -8.67 -7.77
CA PHE A 58 6.37 -8.95 -7.41
C PHE A 58 5.95 -10.36 -7.78
N LEU A 59 6.37 -10.79 -8.96
CA LEU A 59 5.96 -12.10 -9.47
C LEU A 59 6.61 -13.25 -8.69
N ASN A 60 7.92 -13.20 -8.52
CA ASN A 60 8.64 -14.34 -7.94
C ASN A 60 8.63 -14.41 -6.42
N HIS A 61 8.44 -13.26 -5.78
CA HIS A 61 8.50 -13.20 -4.32
C HIS A 61 7.18 -12.83 -3.62
N MET A 62 6.18 -12.34 -4.36
CA MET A 62 4.90 -12.01 -3.74
C MET A 62 3.66 -12.64 -4.41
N GLY A 63 3.85 -13.41 -5.48
CA GLY A 63 2.70 -14.01 -6.17
C GLY A 63 1.77 -12.96 -6.78
N ILE A 64 2.38 -11.88 -7.29
CA ILE A 64 1.63 -10.80 -7.92
C ILE A 64 2.08 -10.71 -9.38
N ALA A 65 1.17 -11.02 -10.32
CA ALA A 65 1.52 -11.01 -11.75
C ALA A 65 1.74 -9.61 -12.32
N ASN A 66 2.38 -9.57 -13.49
CA ASN A 66 2.71 -8.29 -14.14
C ASN A 66 1.46 -7.42 -14.38
N SER A 67 0.34 -8.06 -14.74
CA SER A 67 -0.89 -7.32 -15.02
C SER A 67 -1.32 -6.45 -13.83
N VAL A 68 -1.05 -6.94 -12.63
CA VAL A 68 -1.49 -6.24 -11.41
C VAL A 68 -0.84 -4.87 -11.23
N ILE A 69 0.40 -4.74 -11.69
CA ILE A 69 1.18 -3.53 -11.48
C ILE A 69 1.39 -2.67 -12.75
N GLU A 70 0.66 -2.98 -13.82
CA GLU A 70 0.86 -2.25 -15.09
C GLU A 70 0.61 -0.73 -14.94
N LEU A 71 -0.56 -0.37 -14.42
CA LEU A 71 -0.90 1.04 -14.17
C LEU A 71 -0.01 1.66 -13.09
N ALA A 72 0.27 0.87 -12.05
CA ALA A 72 1.12 1.36 -10.97
C ALA A 72 2.49 1.76 -11.50
N LEU A 73 3.07 0.97 -12.41
CA LEU A 73 4.36 1.30 -13.04
C LEU A 73 4.26 2.60 -13.84
N THR A 74 3.25 2.68 -14.70
CA THR A 74 2.99 3.91 -15.44
C THR A 74 2.95 5.12 -14.49
N ASN A 75 2.14 5.02 -13.43
CA ASN A 75 1.99 6.13 -12.51
C ASN A 75 3.24 6.47 -11.69
N ALA A 76 4.01 5.46 -11.32
CA ALA A 76 5.28 5.68 -10.63
C ALA A 76 6.20 6.57 -11.50
N PHE A 77 6.30 6.23 -12.78
CA PHE A 77 7.16 6.98 -13.67
C PHE A 77 6.63 8.37 -14.01
N VAL A 78 5.31 8.53 -14.11
CA VAL A 78 4.69 9.88 -14.23
C VAL A 78 5.09 10.75 -13.03
N VAL A 79 4.98 10.18 -11.82
CA VAL A 79 5.28 10.92 -10.60
C VAL A 79 6.77 11.25 -10.52
N CYS A 80 7.61 10.31 -10.95
CA CYS A 80 9.05 10.54 -10.97
C CYS A 80 9.41 11.76 -11.84
N GLU A 81 8.82 11.84 -13.03
CA GLU A 81 9.11 12.99 -13.92
C GLU A 81 8.59 14.32 -13.34
N TYR A 82 7.40 14.27 -12.75
CA TYR A 82 6.78 15.43 -12.10
C TYR A 82 7.63 15.94 -10.94
N VAL A 83 8.06 15.05 -10.07
CA VAL A 83 8.86 15.44 -8.89
C VAL A 83 10.26 15.94 -9.25
N THR A 84 10.95 15.20 -10.12
CA THR A 84 12.36 15.50 -10.47
C THR A 84 12.49 16.58 -11.54
N GLY A 85 11.45 16.75 -12.36
CA GLY A 85 11.47 17.75 -13.42
C GLY A 85 12.02 17.24 -14.74
N SER A 86 12.40 15.96 -14.80
CA SER A 86 12.81 15.37 -16.08
C SER A 86 12.41 13.90 -16.19
N ASP A 87 12.28 13.42 -17.43
CA ASP A 87 11.93 12.02 -17.70
C ASP A 87 12.90 11.06 -16.98
N CYS A 88 12.33 10.08 -16.27
CA CYS A 88 13.11 9.14 -15.47
C CYS A 88 13.49 7.86 -16.21
N GLY A 89 13.10 7.79 -17.48
CA GLY A 89 13.42 6.66 -18.34
C GLY A 89 12.96 5.35 -17.75
N ASP A 90 13.90 4.43 -17.54
CA ASP A 90 13.58 3.16 -16.91
C ASP A 90 14.42 2.96 -15.64
N SER A 91 14.65 4.06 -14.92
CA SER A 91 15.36 4.01 -13.65
C SER A 91 14.62 4.94 -12.69
N LEU A 92 13.65 4.36 -11.96
CA LEU A 92 12.90 5.14 -10.96
C LEU A 92 13.90 5.71 -9.96
N VAL A 93 13.97 7.05 -9.85
CA VAL A 93 15.05 7.67 -9.09
C VAL A 93 15.16 7.16 -7.64
N ASN A 94 14.02 7.15 -6.94
CA ASN A 94 13.95 6.52 -5.61
C ASN A 94 12.50 6.23 -5.24
N LEU A 95 12.31 5.57 -4.08
CA LEU A 95 11.00 5.16 -3.60
C LEU A 95 10.31 6.35 -2.90
N THR A 96 11.12 7.21 -2.28
CA THR A 96 10.61 8.30 -1.43
C THR A 96 9.70 9.28 -2.20
N LEU A 97 10.08 9.57 -3.45
CA LEU A 97 9.33 10.50 -4.29
C LEU A 97 7.92 10.01 -4.57
N LEU A 98 7.67 8.71 -4.36
CA LEU A 98 6.31 8.21 -4.52
C LEU A 98 5.34 8.76 -3.47
N ALA A 99 5.90 9.36 -2.41
CA ALA A 99 5.05 10.01 -1.39
C ALA A 99 4.68 11.48 -1.74
N GLU A 100 4.92 11.88 -2.98
CA GLU A 100 4.45 13.20 -3.46
C GLU A 100 2.93 13.30 -3.31
N PRO A 101 2.43 14.27 -2.51
CA PRO A 101 0.98 14.22 -2.21
C PRO A 101 0.08 14.65 -3.36
N HIS A 102 -1.21 14.30 -3.23
CA HIS A 102 -2.25 14.52 -4.24
C HIS A 102 -1.81 14.07 -5.63
N ALA A 103 -1.24 12.88 -5.69
CA ALA A 103 -0.68 12.34 -6.91
C ALA A 103 -0.95 10.82 -6.88
N PHE A 104 0.08 10.00 -6.78
CA PHE A 104 -0.13 8.54 -6.56
C PHE A 104 -0.47 8.37 -5.06
N GLU A 105 0.39 8.91 -4.21
CA GLU A 105 0.05 9.08 -2.78
C GLU A 105 -1.21 9.96 -2.67
N HIS A 106 -2.06 9.58 -1.73
CA HIS A 106 -3.37 10.17 -1.59
C HIS A 106 -3.80 10.20 -0.12
N ASP A 107 -4.89 10.96 0.07
CA ASP A 107 -5.45 11.17 1.39
C ASP A 107 -6.21 9.92 1.87
N HIS A 108 -6.60 9.93 3.13
CA HIS A 108 -7.35 8.81 3.77
C HIS A 108 -6.75 7.42 3.57
N SER A 109 -5.42 7.33 3.69
CA SER A 109 -4.69 6.04 3.64
C SER A 109 -5.11 5.14 4.84
N PHE A 110 -4.92 3.83 4.70
CA PHE A 110 -5.20 2.89 5.80
C PHE A 110 -4.22 3.02 6.98
N SER A 111 -2.98 3.39 6.69
CA SER A 111 -1.90 3.24 7.69
C SER A 111 -0.91 4.39 7.74
N ARG A 112 -1.17 5.44 6.95
CA ARG A 112 -0.36 6.65 6.94
C ARG A 112 -1.22 7.85 7.25
N LYS A 113 -0.62 8.84 7.93
CA LYS A 113 -1.29 10.13 8.12
C LYS A 113 -1.32 10.89 6.79
N ASP A 114 -2.19 11.90 6.68
CA ASP A 114 -2.25 12.77 5.50
C ASP A 114 -1.22 13.88 5.57
N TYR A 115 -0.79 14.34 4.40
CA TYR A 115 0.21 15.40 4.27
C TYR A 115 -0.09 16.62 5.17
N LYS A 116 -1.36 17.03 5.25
CA LYS A 116 -1.72 18.15 6.12
C LYS A 116 -2.68 17.77 7.25
N GLN A 117 -2.52 16.54 7.74
CA GLN A 117 -3.36 16.04 8.83
C GLN A 117 -3.02 16.74 10.15
N GLY A 118 -3.99 17.45 10.72
CA GLY A 118 -3.87 18.05 12.04
C GLY A 118 -2.84 19.16 12.17
N VAL A 119 -2.44 19.76 11.07
CA VAL A 119 -1.52 20.91 11.14
C VAL A 119 -2.29 22.17 11.50
N ALA A 120 -1.66 22.98 12.34
CA ALA A 120 -2.27 24.23 12.84
C ALA A 120 -2.15 25.35 11.82
N ASN A 121 -1.13 25.28 10.97
CA ASN A 121 -0.88 26.31 9.98
C ASN A 121 -0.89 25.77 8.56
N SER A 122 -1.47 26.55 7.63
CA SER A 122 -1.72 26.13 6.25
C SER A 122 -0.50 25.64 5.47
N ASN A 123 0.66 26.24 5.72
CA ASN A 123 1.88 25.90 4.99
C ASN A 123 2.63 24.68 5.51
N ASP A 124 2.21 24.19 6.67
CA ASP A 124 2.92 23.09 7.32
C ASP A 124 2.53 21.76 6.69
N PHE A 125 3.41 20.78 6.84
CA PHE A 125 3.11 19.42 6.42
C PHE A 125 3.82 18.40 7.31
N ILE A 126 3.40 17.15 7.20
CA ILE A 126 3.91 16.10 8.07
C ILE A 126 4.26 14.84 7.25
N ASP A 127 4.76 13.83 7.96
CA ASP A 127 5.15 12.57 7.36
C ASP A 127 3.91 11.77 6.90
N ASN A 128 3.63 11.83 5.60
CA ASN A 128 2.54 11.06 4.95
C ASN A 128 3.06 9.77 4.30
N ARG A 129 4.25 9.36 4.68
CA ARG A 129 4.95 8.29 3.98
C ARG A 129 5.21 7.05 4.84
N ASN A 130 5.81 7.25 6.03
CA ASN A 130 6.12 6.12 6.91
C ASN A 130 4.87 5.51 7.56
N PHE A 131 4.92 4.21 7.81
CA PHE A 131 3.90 3.51 8.58
C PHE A 131 3.60 4.23 9.89
N ASP A 132 2.31 4.43 10.19
CA ASP A 132 1.91 5.09 11.44
C ASP A 132 1.00 4.14 12.22
N ALA A 133 1.49 3.61 13.35
CA ALA A 133 0.72 2.64 14.18
C ALA A 133 -0.68 3.14 14.58
N GLU A 134 -0.76 4.39 15.06
CA GLU A 134 -2.06 4.96 15.46
C GLU A 134 -3.05 4.99 14.30
N THR A 135 -2.61 5.44 13.12
CA THR A 135 -3.49 5.50 11.96
C THR A 135 -3.96 4.09 11.62
N PHE A 136 -3.01 3.14 11.56
CA PHE A 136 -3.37 1.79 11.17
C PHE A 136 -4.36 1.20 12.18
N GLN A 137 -4.20 1.55 13.44
CA GLN A 137 -5.11 1.06 14.47
C GLN A 137 -6.55 1.54 14.22
N THR A 138 -6.72 2.73 13.66
CA THR A 138 -8.09 3.21 13.29
C THR A 138 -8.75 2.31 12.23
N SER A 139 -7.94 1.73 11.33
CA SER A 139 -8.42 0.77 10.34
C SER A 139 -8.75 -0.56 11.00
N LEU A 140 -7.82 -1.07 11.80
CA LEU A 140 -7.96 -2.39 12.46
C LEU A 140 -9.15 -2.41 13.41
N ASP A 141 -9.41 -1.30 14.07
CA ASP A 141 -10.44 -1.27 15.10
C ASP A 141 -11.86 -1.35 14.53
N VAL A 142 -12.01 -1.05 13.24
CA VAL A 142 -13.30 -1.25 12.55
C VAL A 142 -13.67 -2.73 12.58
N VAL A 143 -12.64 -3.58 12.58
CA VAL A 143 -12.82 -5.03 12.60
C VAL A 143 -12.26 -5.66 13.89
N ALA A 144 -12.38 -4.92 14.98
CA ALA A 144 -11.87 -5.37 16.26
C ALA A 144 -12.55 -6.66 16.70
N GLY A 145 -11.79 -7.56 17.32
CA GLY A 145 -12.31 -8.86 17.79
C GLY A 145 -12.54 -9.93 16.72
N LYS A 146 -12.15 -9.64 15.49
CA LYS A 146 -12.34 -10.55 14.34
C LYS A 146 -11.02 -11.14 13.87
N THR A 147 -11.08 -12.33 13.28
CA THR A 147 -9.89 -12.91 12.63
C THR A 147 -9.89 -12.67 11.08
N HIS A 148 -11.06 -12.51 10.49
CA HIS A 148 -11.20 -12.33 9.04
C HIS A 148 -12.17 -11.20 8.71
N PHE A 149 -12.10 -10.62 7.51
CA PHE A 149 -13.15 -9.66 7.08
C PHE A 149 -13.45 -9.72 5.60
N ASP A 150 -14.66 -9.31 5.22
CA ASP A 150 -15.10 -9.37 3.83
C ASP A 150 -15.16 -8.00 3.15
N TYR A 151 -15.70 -7.99 1.94
CA TYR A 151 -15.81 -6.78 1.13
C TYR A 151 -16.56 -5.65 1.84
N ALA A 152 -17.69 -5.99 2.48
CA ALA A 152 -18.52 -5.02 3.20
C ALA A 152 -17.75 -4.38 4.37
N ASP A 153 -16.99 -5.21 5.09
CA ASP A 153 -16.10 -4.74 6.14
C ASP A 153 -15.04 -3.78 5.61
N MET A 154 -14.43 -4.12 4.47
CA MET A 154 -13.41 -3.23 3.89
C MET A 154 -14.03 -1.87 3.48
N ASN A 155 -15.26 -1.92 2.99
CA ASN A 155 -15.98 -0.69 2.64
C ASN A 155 -16.14 0.21 3.88
N GLU A 156 -16.48 -0.40 5.01
CA GLU A 156 -16.62 0.29 6.29
C GLU A 156 -15.29 0.88 6.78
N ILE A 157 -14.19 0.13 6.62
CA ILE A 157 -12.84 0.62 6.94
C ILE A 157 -12.50 1.87 6.12
N ARG A 158 -12.62 1.80 4.80
CA ARG A 158 -12.24 2.97 3.98
C ARG A 158 -13.15 4.18 4.28
N LEU A 159 -14.42 3.92 4.64
CA LEU A 159 -15.33 5.03 5.02
C LEU A 159 -14.90 5.68 6.33
N GLN A 160 -14.50 4.87 7.31
CA GLN A 160 -13.99 5.38 8.59
C GLN A 160 -12.75 6.25 8.34
N ARG A 161 -11.84 5.76 7.50
CA ARG A 161 -10.61 6.50 7.14
C ARG A 161 -10.94 7.82 6.42
N GLU A 162 -11.91 7.79 5.49
CA GLU A 162 -12.31 9.01 4.81
C GLU A 162 -12.88 10.05 5.78
N SER A 163 -13.73 9.59 6.71
N SER A 163 -13.72 9.60 6.72
CA SER A 163 -14.37 10.46 7.69
CA SER A 163 -14.38 10.49 7.68
C SER A 163 -13.34 11.14 8.59
C SER A 163 -13.38 11.14 8.63
N LEU A 164 -12.47 10.33 9.18
CA LEU A 164 -11.41 10.82 10.05
C LEU A 164 -10.50 11.82 9.34
N SER A 165 -10.11 11.49 8.11
CA SER A 165 -9.23 12.39 7.35
C SER A 165 -9.92 13.71 6.98
N ASN A 166 -11.18 13.64 6.57
CA ASN A 166 -11.95 14.85 6.22
C ASN A 166 -12.12 15.78 7.44
N GLU A 167 -12.23 15.20 8.63
CA GLU A 167 -12.35 16.01 9.85
C GLU A 167 -11.03 16.60 10.31
N LEU A 168 -9.96 15.82 10.21
CA LEU A 168 -8.67 16.18 10.80
C LEU A 168 -7.72 16.97 9.89
N ASP A 169 -7.89 16.85 8.58
CA ASP A 169 -6.99 17.55 7.64
C ASP A 169 -7.22 19.05 7.65
N PHE A 170 -6.15 19.80 7.44
CA PHE A 170 -6.27 21.27 7.33
C PHE A 170 -7.37 21.62 6.32
N PRO A 171 -8.26 22.59 6.67
CA PRO A 171 -9.36 22.90 5.76
C PRO A 171 -8.93 23.17 4.31
N GLY A 172 -9.58 22.50 3.39
CA GLY A 172 -9.27 22.65 1.97
C GLY A 172 -8.28 21.61 1.45
N TRP A 173 -7.55 20.96 2.35
CA TRP A 173 -6.57 19.94 1.91
C TRP A 173 -7.23 18.64 1.44
N PHE A 174 -8.18 18.13 2.22
CA PHE A 174 -8.71 16.78 2.01
C PHE A 174 -9.28 16.62 0.58
N THR A 175 -8.82 15.57 -0.10
CA THR A 175 -9.25 15.28 -1.46
C THR A 175 -9.52 13.80 -1.56
N GLU A 176 -10.78 13.43 -1.83
CA GLU A 176 -11.15 12.02 -1.89
C GLU A 176 -10.45 11.32 -3.05
N SER A 177 -10.03 10.08 -2.81
N SER A 177 -10.00 10.09 -2.80
CA SER A 177 -9.28 9.31 -3.80
CA SER A 177 -9.29 9.29 -3.79
C SER A 177 -9.77 7.86 -3.85
C SER A 177 -9.80 7.85 -3.79
N LYS A 178 -11.08 7.67 -4.11
CA LYS A 178 -11.66 6.31 -4.15
C LYS A 178 -11.02 5.38 -5.20
N PRO A 179 -10.78 5.89 -6.43
CA PRO A 179 -10.22 4.97 -7.44
C PRO A 179 -8.84 4.38 -7.09
N ILE A 180 -7.91 5.22 -6.65
CA ILE A 180 -6.59 4.66 -6.25
C ILE A 180 -6.69 3.80 -4.97
N GLN A 181 -7.37 4.31 -3.94
CA GLN A 181 -7.51 3.57 -2.71
C GLN A 181 -8.10 2.20 -2.93
N ASN A 182 -9.13 2.11 -3.76
CA ASN A 182 -9.82 0.84 -3.85
C ASN A 182 -9.18 -0.18 -4.77
N VAL A 183 -8.26 0.30 -5.62
CA VAL A 183 -7.32 -0.65 -6.23
C VAL A 183 -6.45 -1.27 -5.10
N GLU A 184 -5.99 -0.41 -4.18
CA GLU A 184 -5.24 -0.88 -3.00
C GLU A 184 -6.05 -1.80 -2.10
N SER A 185 -7.35 -1.51 -1.93
CA SER A 185 -8.25 -2.49 -1.31
C SER A 185 -8.17 -3.86 -1.98
N GLY A 186 -8.28 -3.88 -3.31
CA GLY A 186 -8.11 -5.10 -4.12
C GLY A 186 -6.75 -5.78 -3.89
N PHE A 187 -5.69 -4.96 -3.75
CA PHE A 187 -4.33 -5.46 -3.52
C PHE A 187 -4.26 -6.22 -2.19
N ILE A 188 -4.92 -5.68 -1.16
CA ILE A 188 -4.98 -6.32 0.14
C ILE A 188 -5.69 -7.70 0.06
N PHE A 189 -6.84 -7.73 -0.59
CA PHE A 189 -7.50 -9.03 -0.83
C PHE A 189 -6.62 -9.98 -1.65
N ALA A 190 -5.90 -9.44 -2.63
CA ALA A 190 -5.03 -10.26 -3.48
C ALA A 190 -3.87 -10.90 -2.69
N LEU A 191 -3.26 -10.13 -1.78
CA LEU A 191 -2.08 -10.63 -1.09
C LEU A 191 -2.41 -11.46 0.14
N VAL A 192 -3.34 -10.97 0.95
CA VAL A 192 -3.54 -11.54 2.28
C VAL A 192 -4.94 -12.08 2.56
N SER A 193 -5.69 -12.40 1.50
CA SER A 193 -6.91 -13.17 1.74
C SER A 193 -6.55 -14.62 2.03
N ASP A 194 -7.46 -15.30 2.73
CA ASP A 194 -7.18 -16.62 3.24
C ASP A 194 -7.39 -17.74 2.20
N PHE A 195 -6.30 -18.08 1.51
CA PHE A 195 -6.30 -19.11 0.46
C PHE A 195 -6.60 -20.52 1.01
N ASN A 196 -6.63 -20.67 2.33
CA ASN A 196 -6.97 -21.96 2.95
C ASN A 196 -8.47 -22.24 3.00
N LEU A 197 -9.27 -21.26 2.62
CA LEU A 197 -10.73 -21.43 2.58
C LEU A 197 -11.09 -21.88 1.16
N PRO A 198 -12.04 -22.84 1.02
CA PRO A 198 -12.31 -23.44 -0.30
C PRO A 198 -12.82 -22.46 -1.37
N ASP A 199 -13.40 -21.34 -0.95
CA ASP A 199 -13.97 -20.35 -1.86
C ASP A 199 -13.16 -19.06 -1.97
N ASN A 200 -11.86 -19.13 -1.65
CA ASN A 200 -11.00 -17.94 -1.67
C ASN A 200 -10.99 -17.17 -2.98
N ASP A 201 -10.91 -17.89 -4.09
CA ASP A 201 -10.80 -17.22 -5.38
C ASP A 201 -12.03 -16.38 -5.74
N GLU A 202 -13.20 -16.84 -5.31
CA GLU A 202 -14.47 -16.16 -5.63
C GLU A 202 -15.00 -15.29 -4.49
N ASN A 203 -14.67 -15.65 -3.26
CA ASN A 203 -15.23 -14.96 -2.10
C ASN A 203 -14.14 -14.73 -1.03
N PRO A 204 -13.11 -13.94 -1.40
CA PRO A 204 -11.92 -13.86 -0.52
C PRO A 204 -12.22 -13.15 0.81
N LEU A 205 -11.61 -13.65 1.88
CA LEU A 205 -11.69 -12.97 3.18
C LEU A 205 -10.27 -12.66 3.65
N VAL A 206 -10.04 -11.41 4.03
CA VAL A 206 -8.70 -11.02 4.53
C VAL A 206 -8.43 -11.65 5.89
N ARG A 207 -7.23 -12.23 6.06
CA ARG A 207 -6.79 -12.67 7.35
C ARG A 207 -6.12 -11.47 8.04
N ILE A 208 -6.74 -10.99 9.11
CA ILE A 208 -6.32 -9.75 9.78
C ILE A 208 -4.88 -9.84 10.31
N ASP A 209 -4.52 -10.97 10.92
CA ASP A 209 -3.12 -11.12 11.41
C ASP A 209 -2.06 -11.04 10.32
N TRP A 210 -2.35 -11.62 9.16
CA TRP A 210 -1.44 -11.49 8.00
C TRP A 210 -1.32 -10.03 7.55
N TRP A 211 -2.48 -9.36 7.48
CA TRP A 211 -2.52 -7.94 7.10
C TRP A 211 -1.69 -7.11 8.06
N LYS A 212 -1.94 -7.32 9.35
CA LYS A 212 -1.22 -6.58 10.39
C LYS A 212 0.29 -6.85 10.38
N TYR A 213 0.69 -8.11 10.18
CA TYR A 213 2.11 -8.44 10.11
C TYR A 213 2.79 -7.73 8.92
N TRP A 214 2.19 -7.88 7.74
CA TRP A 214 2.70 -7.22 6.53
C TRP A 214 2.90 -5.70 6.71
N PHE A 215 1.87 -5.01 7.19
CA PHE A 215 1.92 -3.55 7.29
C PHE A 215 2.85 -3.08 8.40
N THR A 216 2.78 -3.73 9.57
CA THR A 216 3.57 -3.30 10.73
C THR A 216 5.05 -3.62 10.52
N ASN A 217 5.33 -4.80 9.98
CA ASN A 217 6.70 -5.25 9.90
C ASN A 217 7.39 -4.94 8.59
N GLU A 218 6.61 -4.66 7.55
CA GLU A 218 7.18 -4.48 6.20
C GLU A 218 8.07 -5.69 5.84
N SER A 219 7.49 -6.85 6.13
CA SER A 219 8.04 -8.15 5.76
C SER A 219 6.87 -9.15 5.64
N PHE A 220 7.17 -10.41 5.28
CA PHE A 220 6.12 -11.36 4.89
C PHE A 220 5.72 -12.30 6.03
N PRO A 221 4.41 -12.47 6.25
CA PRO A 221 3.93 -13.26 7.39
C PRO A 221 4.02 -14.81 7.25
N TYR A 222 5.15 -15.31 6.74
CA TYR A 222 5.41 -16.75 6.67
C TYR A 222 5.20 -17.48 8.02
N HIS A 223 5.58 -16.82 9.13
CA HIS A 223 5.47 -17.48 10.45
C HIS A 223 4.02 -17.77 10.84
N LEU A 224 3.09 -17.05 10.19
CA LEU A 224 1.65 -17.22 10.41
C LEU A 224 0.98 -18.10 9.36
N GLY A 225 1.77 -18.78 8.54
CA GLY A 225 1.23 -19.70 7.53
C GLY A 225 0.98 -19.09 6.16
N TRP A 226 1.27 -17.80 6.01
CA TRP A 226 1.17 -17.17 4.70
C TRP A 226 2.18 -17.72 3.70
N HIS A 227 1.81 -17.72 2.43
CA HIS A 227 2.79 -17.86 1.34
C HIS A 227 2.33 -17.02 0.13
N PRO A 228 3.23 -16.74 -0.83
CA PRO A 228 2.76 -16.04 -2.04
C PRO A 228 1.60 -16.80 -2.71
N PRO A 229 0.54 -16.07 -3.13
CA PRO A 229 -0.55 -16.70 -3.90
C PRO A 229 0.00 -17.49 -5.09
N SER A 230 -0.54 -18.70 -5.30
CA SER A 230 -0.17 -19.55 -6.42
C SER A 230 -1.44 -20.14 -7.03
N PRO A 231 -1.68 -19.89 -8.34
CA PRO A 231 -0.81 -19.09 -9.21
C PRO A 231 -0.89 -17.61 -8.84
N ALA A 232 0.04 -16.82 -9.38
CA ALA A 232 0.10 -15.39 -9.10
C ALA A 232 -1.25 -14.73 -9.40
N ARG A 233 -1.67 -13.81 -8.52
CA ARG A 233 -2.90 -13.04 -8.71
C ARG A 233 -2.80 -12.14 -9.94
N GLU A 234 -3.92 -11.98 -10.65
CA GLU A 234 -3.98 -11.14 -11.86
C GLU A 234 -4.87 -9.89 -11.64
N ILE A 235 -4.77 -8.94 -12.55
CA ILE A 235 -5.48 -7.67 -12.43
C ILE A 235 -7.02 -7.82 -12.31
N GLU A 236 -7.59 -8.81 -12.99
CA GLU A 236 -9.03 -9.06 -12.95
C GLU A 236 -9.54 -9.27 -11.52
N PHE A 237 -8.81 -10.07 -10.75
CA PHE A 237 -9.16 -10.32 -9.34
C PHE A 237 -9.17 -8.99 -8.57
N VAL A 238 -8.13 -8.18 -8.77
CA VAL A 238 -7.97 -6.90 -8.05
C VAL A 238 -9.10 -5.91 -8.35
N THR A 239 -9.44 -5.74 -9.64
CA THR A 239 -10.43 -4.71 -9.99
C THR A 239 -11.83 -5.19 -9.64
N SER A 240 -12.04 -6.51 -9.69
CA SER A 240 -13.30 -7.11 -9.25
C SER A 240 -13.51 -6.87 -7.76
N ALA A 241 -12.46 -7.10 -6.96
CA ALA A 241 -12.51 -6.85 -5.52
C ALA A 241 -12.78 -5.37 -5.25
N SER A 242 -12.11 -4.50 -5.98
CA SER A 242 -12.31 -3.06 -5.85
C SER A 242 -13.80 -2.71 -6.05
N SER A 243 -14.36 -3.17 -7.16
N SER A 243 -14.38 -3.19 -7.15
CA SER A 243 -15.79 -2.99 -7.43
CA SER A 243 -15.79 -2.97 -7.45
C SER A 243 -16.63 -3.46 -6.26
C SER A 243 -16.71 -3.52 -6.35
N ALA A 244 -16.36 -4.69 -5.81
CA ALA A 244 -17.16 -5.35 -4.79
C ALA A 244 -17.16 -4.61 -3.46
N VAL A 245 -16.01 -4.05 -3.09
CA VAL A 245 -15.90 -3.27 -1.87
C VAL A 245 -16.88 -2.09 -1.94
N LEU A 246 -16.82 -1.36 -3.05
CA LEU A 246 -17.58 -0.12 -3.22
C LEU A 246 -19.07 -0.38 -3.46
N ALA A 247 -19.40 -1.60 -3.92
CA ALA A 247 -20.80 -2.00 -4.14
C ALA A 247 -21.47 -2.54 -2.86
N ALA A 248 -20.66 -2.87 -1.85
CA ALA A 248 -21.13 -3.55 -0.65
C ALA A 248 -22.04 -2.65 0.20
N SER A 249 -23.04 -3.26 0.82
CA SER A 249 -23.99 -2.49 1.61
C SER A 249 -23.34 -1.87 2.86
N VAL A 250 -23.62 -0.59 3.08
CA VAL A 250 -23.10 0.15 4.24
C VAL A 250 -24.14 0.12 5.36
N THR A 251 -23.77 -0.47 6.48
CA THR A 251 -24.69 -0.65 7.61
C THR A 251 -24.38 0.33 8.75
N SER A 252 -23.20 0.94 8.69
CA SER A 252 -22.83 1.97 9.65
C SER A 252 -22.19 3.15 8.91
N THR A 253 -22.88 4.28 8.93
CA THR A 253 -22.45 5.46 8.19
C THR A 253 -21.76 6.48 9.10
N PRO A 254 -20.46 6.74 8.85
CA PRO A 254 -19.79 7.80 9.60
C PRO A 254 -20.28 9.17 9.14
N SER A 255 -20.20 10.16 10.03
CA SER A 255 -20.49 11.53 9.64
C SER A 255 -19.24 12.13 9.00
N SER A 256 -19.38 13.33 8.43
CA SER A 256 -18.28 14.04 7.78
C SER A 256 -17.68 13.31 6.57
N LEU A 257 -18.48 12.49 5.90
CA LEU A 257 -18.06 11.89 4.64
C LEU A 257 -18.11 12.92 3.51
N PRO A 258 -17.12 12.88 2.61
CA PRO A 258 -17.18 13.72 1.42
C PRO A 258 -18.34 13.34 0.52
N SER A 259 -18.78 14.29 -0.29
CA SER A 259 -19.85 14.10 -1.24
C SER A 259 -19.60 12.89 -2.16
N GLY A 260 -20.57 11.98 -2.24
CA GLY A 260 -20.48 10.84 -3.14
C GLY A 260 -19.63 9.66 -2.66
N ALA A 261 -19.17 9.73 -1.40
CA ALA A 261 -18.35 8.68 -0.79
C ALA A 261 -18.99 7.30 -0.92
N ILE A 262 -20.28 7.21 -0.60
CA ILE A 262 -20.99 5.95 -0.68
C ILE A 262 -21.45 5.73 -2.12
N GLY A 263 -21.03 4.62 -2.69
CA GLY A 263 -21.38 4.29 -4.07
C GLY A 263 -20.18 3.86 -4.88
N PRO A 264 -20.41 3.50 -6.16
CA PRO A 264 -19.34 3.03 -7.05
C PRO A 264 -18.27 4.10 -7.27
N GLY A 265 -17.09 3.67 -7.70
CA GLY A 265 -15.98 4.60 -7.95
C GLY A 265 -15.52 4.56 -9.39
N ALA A 266 -14.92 5.66 -9.85
CA ALA A 266 -14.35 5.71 -11.21
C ALA A 266 -13.24 4.68 -11.40
N GLU A 267 -13.07 4.23 -12.64
CA GLU A 267 -11.88 3.43 -13.00
C GLU A 267 -10.62 4.28 -12.74
N ALA A 268 -9.64 3.67 -12.09
CA ALA A 268 -8.32 4.28 -11.96
C ALA A 268 -7.65 4.41 -13.32
N VAL A 269 -7.09 5.59 -13.58
CA VAL A 269 -6.48 5.90 -14.88
C VAL A 269 -5.09 6.53 -14.67
N PRO A 270 -4.27 6.62 -15.75
CA PRO A 270 -2.97 7.24 -15.62
C PRO A 270 -3.05 8.67 -15.11
N LEU A 271 -2.14 9.02 -14.20
CA LEU A 271 -2.03 10.37 -13.68
C LEU A 271 -1.42 11.32 -14.71
N SER A 272 -1.69 12.61 -14.55
CA SER A 272 -1.06 13.63 -15.39
C SER A 272 -0.90 14.92 -14.58
N PHE A 273 0.22 15.61 -14.81
CA PHE A 273 0.50 16.89 -14.13
C PHE A 273 0.91 17.98 -15.10
N ALA A 274 0.31 19.16 -14.94
CA ALA A 274 0.67 20.35 -15.73
C ALA A 274 2.15 20.64 -15.59
N SER A 275 2.81 20.90 -16.72
CA SER A 275 4.23 21.25 -16.74
C SER A 275 4.51 22.48 -15.88
N THR A 276 3.50 23.31 -15.70
CA THR A 276 3.64 24.54 -14.90
C THR A 276 3.70 24.23 -13.41
N MET A 277 2.99 23.17 -13.01
CA MET A 277 2.82 22.83 -11.60
C MET A 277 4.12 22.40 -10.93
N THR A 278 4.49 23.06 -9.84
CA THR A 278 5.66 22.67 -9.07
C THR A 278 5.23 21.63 -8.02
N PRO A 279 6.05 20.60 -7.81
CA PRO A 279 5.66 19.58 -6.84
C PRO A 279 5.70 20.09 -5.40
N PHE A 280 4.84 19.52 -4.55
CA PHE A 280 4.93 19.74 -3.10
C PHE A 280 6.24 19.14 -2.58
N LEU A 281 6.81 19.77 -1.56
CA LEU A 281 8.00 19.26 -0.89
C LEU A 281 7.72 17.90 -0.24
N LEU A 282 8.65 16.98 -0.43
CA LEU A 282 8.56 15.65 0.17
C LEU A 282 8.95 15.67 1.66
N ALA A 283 8.19 14.95 2.50
CA ALA A 283 8.62 14.71 3.89
C ALA A 283 9.99 14.04 3.88
N THR A 284 10.88 14.49 4.77
CA THR A 284 12.28 14.05 4.78
C THR A 284 12.62 13.00 5.84
N ASN A 285 11.61 12.48 6.55
CA ASN A 285 11.83 11.55 7.65
C ASN A 285 12.63 10.29 7.29
N ALA A 286 13.51 9.85 8.20
CA ALA A 286 14.21 8.58 8.02
C ALA A 286 13.22 7.42 7.81
N PRO A 287 13.62 6.37 7.06
CA PRO A 287 12.69 5.24 6.85
C PRO A 287 12.32 4.51 8.14
N TYR A 288 11.03 4.23 8.29
CA TYR A 288 10.47 3.48 9.42
C TYR A 288 10.96 2.03 9.37
N TYR A 289 11.23 1.45 10.55
CA TYR A 289 11.39 0.00 10.68
C TYR A 289 10.81 -0.47 12.00
N ALA A 290 10.30 -1.71 12.01
CA ALA A 290 9.67 -2.30 13.19
C ALA A 290 10.68 -2.39 14.33
N GLN A 291 10.25 -1.96 15.51
CA GLN A 291 11.13 -1.93 16.69
C GLN A 291 10.50 -2.56 17.92
N ASP A 292 9.25 -3.02 17.81
CA ASP A 292 8.60 -3.64 18.95
C ASP A 292 7.92 -4.98 18.67
N PRO A 293 8.71 -6.04 18.39
CA PRO A 293 10.18 -6.11 18.41
C PRO A 293 10.83 -5.77 17.07
N THR A 294 12.15 -5.56 17.08
CA THR A 294 12.92 -5.54 15.84
C THR A 294 12.89 -6.93 15.20
N LEU A 295 13.09 -6.99 13.89
CA LEU A 295 12.99 -8.23 13.17
C LEU A 295 14.36 -8.86 12.91
N GLY A 296 14.40 -10.19 12.95
CA GLY A 296 15.57 -10.95 12.52
C GLY A 296 15.50 -11.26 11.02
N PRO A 297 16.57 -11.85 10.48
CA PRO A 297 16.71 -12.10 9.05
C PRO A 297 15.59 -12.99 8.48
N ASN A 298 15.03 -13.88 9.29
CA ASN A 298 13.97 -14.82 8.84
C ASN A 298 12.53 -14.34 9.12
N ASP A 299 12.40 -13.08 9.54
CA ASP A 299 11.09 -12.53 9.94
C ASP A 299 10.45 -11.65 8.86
C1 NAG B . 14.22 10.97 -3.47
C2 NAG B . 15.01 11.63 -2.33
C3 NAG B . 14.49 13.05 -2.07
C4 NAG B . 14.41 13.86 -3.36
C5 NAG B . 13.65 13.08 -4.45
C6 NAG B . 13.61 13.80 -5.80
C7 NAG B . 15.82 9.95 -0.70
C8 NAG B . 15.66 9.41 0.70
N2 NAG B . 14.93 10.88 -1.07
O3 NAG B . 15.34 13.70 -1.14
O4 NAG B . 13.74 15.08 -3.09
O5 NAG B . 14.26 11.81 -4.62
O6 NAG B . 14.91 14.01 -6.28
O7 NAG B . 16.72 9.54 -1.43
C1 NAG B . 14.47 16.25 -3.51
C2 NAG B . 13.58 17.46 -3.24
C3 NAG B . 14.30 18.78 -3.53
C4 NAG B . 15.72 18.84 -2.98
C5 NAG B . 16.48 17.53 -3.20
C6 NAG B . 17.76 17.53 -2.39
C7 NAG B . 11.12 17.50 -3.39
C8 NAG B . 9.92 17.61 -4.30
N2 NAG B . 12.32 17.40 -3.98
O3 NAG B . 13.55 19.82 -2.95
O4 NAG B . 16.42 19.95 -3.55
O5 NAG B . 15.71 16.39 -2.82
O6 NAG B . 18.53 16.45 -2.83
O7 NAG B . 10.96 17.50 -2.16
C1 NAG C . 6.30 -8.68 13.37
C2 NAG C . 5.02 -9.20 14.08
C3 NAG C . 5.36 -9.84 15.44
C4 NAG C . 6.43 -10.94 15.27
C5 NAG C . 7.64 -10.33 14.52
C6 NAG C . 8.78 -11.32 14.23
C7 NAG C . 2.77 -8.18 13.85
C8 NAG C . 1.94 -6.99 14.21
N2 NAG C . 4.03 -8.15 14.30
O3 NAG C . 4.19 -10.39 16.01
O4 NAG C . 6.79 -11.53 16.53
O5 NAG C . 7.20 -9.77 13.27
O6 NAG C . 8.35 -12.40 13.39
O7 NAG C . 2.30 -9.12 13.20
C1 NAG C . 6.82 -12.98 16.39
C2 NAG C . 7.33 -13.64 17.68
C3 NAG C . 7.19 -15.17 17.73
C4 NAG C . 6.01 -15.74 16.91
C5 NAG C . 5.80 -14.95 15.62
C6 NAG C . 4.60 -15.44 14.82
C7 NAG C . 9.10 -12.23 18.51
C8 NAG C . 10.56 -11.88 18.41
N2 NAG C . 8.74 -13.31 17.83
O3 NAG C . 7.08 -15.52 19.09
O4 NAG C . 6.22 -17.11 16.60
O5 NAG C . 5.62 -13.58 15.95
O6 NAG C . 4.48 -14.66 13.65
O7 NAG C . 8.33 -11.54 19.17
C1 MAN D . 13.47 15.83 7.30
C2 MAN D . 12.60 16.47 8.40
C3 MAN D . 12.60 17.99 8.25
C4 MAN D . 14.04 18.48 8.25
C5 MAN D . 14.81 17.81 7.12
C6 MAN D . 16.26 18.27 7.09
O2 MAN D . 13.10 16.24 9.70
O3 MAN D . 11.90 18.56 9.33
O4 MAN D . 14.07 19.88 8.12
O5 MAN D . 14.77 16.40 7.27
O6 MAN D . 17.11 17.15 7.15
C1 MAN D . 12.72 14.99 10.29
C2 MAN D . 12.91 15.12 11.81
C3 MAN D . 14.41 15.22 12.15
C4 MAN D . 15.20 14.07 11.52
C5 MAN D . 14.89 14.02 10.02
C6 MAN D . 15.65 12.91 9.31
O2 MAN D . 12.34 13.99 12.44
O3 MAN D . 14.59 15.25 13.56
O4 MAN D . 16.58 14.23 11.70
O5 MAN D . 13.49 13.90 9.81
O6 MAN D . 16.21 13.44 8.13
MN MN E . -1.67 8.56 1.68
CHA HEM F . 0.03 2.33 -1.19
CHB HEM F . 2.97 2.69 -5.06
CHC HEM F . 2.39 -2.08 -5.95
CHD HEM F . -0.08 -2.53 -1.81
C1A HEM F . 0.84 2.85 -2.18
C2A HEM F . 1.14 4.27 -2.35
C3A HEM F . 1.96 4.39 -3.42
C4A HEM F . 2.19 3.05 -3.96
CMA HEM F . 2.57 5.68 -4.02
CAA HEM F . 0.59 5.36 -1.41
CBA HEM F . -0.93 5.59 -1.55
CGA HEM F . -1.48 6.10 -0.22
O1A HEM F . -1.56 7.36 0.09
O2A HEM F . -1.83 5.19 0.56
C1B HEM F . 3.08 1.43 -5.64
C2B HEM F . 3.82 1.10 -6.84
C3B HEM F . 3.67 -0.22 -7.09
C4B HEM F . 2.82 -0.77 -6.05
CMB HEM F . 4.64 2.11 -7.66
CAB HEM F . 4.25 -1.08 -8.24
CBB HEM F . 5.23 -0.63 -9.02
C1C HEM F . 1.64 -2.62 -4.93
C2C HEM F . 1.21 -3.99 -4.82
C3C HEM F . 0.54 -4.14 -3.67
C4C HEM F . 0.54 -2.84 -3.00
CMC HEM F . 1.46 -5.06 -5.90
CAC HEM F . -0.13 -5.40 -3.08
CBC HEM F . -0.40 -6.51 -3.77
C1D HEM F . -0.39 -1.26 -1.35
C2D HEM F . -1.38 -0.96 -0.31
C3D HEM F . -1.34 0.55 -0.13
C4D HEM F . -0.33 1.02 -1.04
CMD HEM F . -2.31 -1.96 0.41
CAD HEM F . -2.21 1.37 0.83
CBD HEM F . -1.42 1.64 2.12
CGD HEM F . -2.29 2.46 3.03
O1D HEM F . -1.94 2.62 4.21
O2D HEM F . -3.37 2.94 2.60
NA HEM F . 1.50 2.14 -3.17
NB HEM F . 2.49 0.26 -5.18
NC HEM F . 1.22 -1.95 -3.79
ND HEM F . 0.20 -0.07 -1.74
FE HEM F . 1.45 0.08 -3.42
C1 NAG G . 10.52 -25.18 -5.83
C2 NAG G . 9.61 -25.03 -7.06
C3 NAG G . 8.75 -26.28 -7.30
C4 NAG G . 9.63 -27.53 -7.34
C5 NAG G . 10.53 -27.54 -6.09
C6 NAG G . 11.47 -28.74 -6.09
C7 NAG G . 8.78 -22.87 -7.82
C8 NAG G . 7.91 -21.69 -7.49
N2 NAG G . 8.75 -23.86 -6.94
O3 NAG G . 8.00 -26.15 -8.50
O4 NAG G . 8.85 -28.71 -7.35
O5 NAG G . 11.29 -26.34 -6.02
O6 NAG G . 12.34 -28.67 -7.19
O7 NAG G . 9.44 -22.89 -8.87
C1 MAN H . -12.12 -5.03 -12.77
C2 MAN H . -12.47 -6.30 -13.54
C3 MAN H . -11.82 -6.30 -14.91
C4 MAN H . -12.05 -4.99 -15.68
C5 MAN H . -11.70 -3.78 -14.78
C6 MAN H . -11.99 -2.41 -15.41
O2 MAN H . -13.88 -6.39 -13.62
O3 MAN H . -12.25 -7.42 -15.66
O4 MAN H . -11.24 -4.98 -16.83
O5 MAN H . -12.39 -3.87 -13.54
O6 MAN H . -11.62 -1.39 -14.50
C1 MAN I . -14.80 -10.48 -9.51
C2 MAN I . -16.19 -10.81 -8.96
C3 MAN I . -16.17 -10.89 -7.42
C4 MAN I . -15.04 -11.79 -6.93
C5 MAN I . -13.71 -11.34 -7.55
C6 MAN I . -12.56 -12.27 -7.19
O2 MAN I . -16.59 -12.04 -9.55
O3 MAN I . -17.41 -11.34 -6.87
O4 MAN I . -14.98 -11.77 -5.51
O5 MAN I . -13.83 -11.34 -8.96
O6 MAN I . -12.77 -13.50 -7.86
C1 MAN J . -11.04 -0.28 -7.96
C2 MAN J . -11.35 1.21 -7.80
C3 MAN J . -12.83 1.49 -8.11
C4 MAN J . -13.20 0.90 -9.47
C5 MAN J . -12.77 -0.56 -9.59
C6 MAN J . -13.04 -1.18 -10.96
O2 MAN J . -10.50 1.91 -8.68
O3 MAN J . -13.07 2.88 -8.05
O4 MAN J . -14.61 0.99 -9.65
O5 MAN J . -11.38 -0.74 -9.27
O6 MAN J . -12.18 -0.60 -11.93
C1 MAN K . -16.15 -3.92 -10.99
C1 MAN K . -17.89 -4.05 -10.30
C2 MAN K . -15.60 -3.31 -12.29
C2 MAN K . -19.37 -3.70 -10.09
C3 MAN K . -16.31 -2.00 -12.60
C3 MAN K . -19.91 -4.24 -8.77
C4 MAN K . -17.83 -2.23 -12.61
C4 MAN K . -19.47 -5.70 -8.54
C5 MAN K . -18.28 -2.89 -11.30
C5 MAN K . -17.95 -5.75 -8.73
C6 MAN K . -19.77 -3.22 -11.33
C6 MAN K . -17.24 -7.04 -8.31
O2 MAN K . -15.80 -4.21 -13.38
O2 MAN K . -20.14 -4.21 -11.16
O3 MAN K . -15.87 -1.57 -13.85
O3 MAN K . -21.31 -4.12 -8.71
O4 MAN K . -18.52 -1.02 -12.86
O4 MAN K . -19.83 -6.10 -7.25
O5 MAN K . -17.56 -4.09 -11.11
O5 MAN K . -17.69 -5.44 -10.09
O6 MAN K . -20.00 -4.08 -12.42
O6 MAN K . -17.98 -8.19 -8.59
C1 MAN L . -23.13 -3.57 9.35
C2 MAN L . -22.22 -3.07 10.49
C3 MAN L . -20.77 -2.89 10.06
C4 MAN L . -20.25 -4.07 9.22
C5 MAN L . -21.21 -4.38 8.08
C6 MAN L . -20.67 -5.59 7.30
O2 MAN L . -22.34 -3.98 11.57
O3 MAN L . -19.94 -2.72 11.18
O4 MAN L . -18.97 -3.80 8.70
O5 MAN L . -22.52 -4.63 8.61
O6 MAN L . -21.70 -6.44 6.84
C1 MAN M . -20.39 1.89 12.44
C2 MAN M . -20.45 2.96 13.52
C3 MAN M . -19.86 4.30 13.07
C4 MAN M . -18.54 4.11 12.33
C5 MAN M . -18.72 3.08 11.22
C6 MAN M . -17.49 2.87 10.34
O2 MAN M . -19.77 2.51 14.69
O3 MAN M . -19.65 5.14 14.18
O4 MAN M . -18.13 5.36 11.83
O5 MAN M . -19.13 1.84 11.80
O6 MAN M . -16.52 2.15 11.06
C1 MAN N . -25.68 5.10 6.70
C2 MAN N . -26.12 3.77 6.07
C3 MAN N . -25.93 3.79 4.55
C4 MAN N . -26.56 5.01 3.91
C5 MAN N . -26.08 6.27 4.63
C6 MAN N . -26.80 7.53 4.11
O2 MAN N . -27.48 3.50 6.38
O3 MAN N . -26.49 2.61 3.99
O4 MAN N . -26.23 5.05 2.54
O5 MAN N . -26.32 6.17 6.03
O6 MAN N . -26.70 8.55 5.09
C1 MAN O . -23.28 11.86 11.47
C2 MAN O . -24.06 10.94 12.42
C3 MAN O . -24.34 9.57 11.79
C4 MAN O . -24.94 9.68 10.38
C5 MAN O . -24.10 10.61 9.51
C6 MAN O . -24.83 10.87 8.18
O2 MAN O . -25.26 11.59 12.83
O3 MAN O . -25.21 8.81 12.60
O4 MAN O . -25.02 8.40 9.80
O5 MAN O . -23.82 11.86 10.15
O6 MAN O . -24.12 11.80 7.40
C1 MAN P . -1.97 15.00 -18.73
C2 MAN P . -0.97 15.74 -19.62
C3 MAN P . -0.53 17.04 -18.94
C4 MAN P . -1.75 17.90 -18.62
C5 MAN P . -2.71 17.09 -17.76
C6 MAN P . -3.98 17.86 -17.42
O2 MAN P . -1.59 16.00 -20.88
O3 MAN P . 0.40 17.75 -19.73
O4 MAN P . -1.34 19.05 -17.93
O5 MAN P . -3.05 15.86 -18.40
O6 MAN P . -4.63 17.18 -16.37
C1 MAN Q . 5.95 24.55 -6.12
C2 MAN Q . 4.64 24.60 -5.32
C3 MAN Q . 3.89 25.92 -5.62
C4 MAN Q . 4.82 27.13 -5.41
C5 MAN Q . 6.04 26.92 -6.30
C6 MAN Q . 7.03 28.08 -6.31
O2 MAN Q . 4.90 24.42 -3.94
O3 MAN Q . 2.69 26.01 -4.87
O4 MAN Q . 4.15 28.32 -5.73
O5 MAN Q . 6.70 25.73 -5.91
O6 MAN Q . 7.88 27.88 -7.42
C1 MAN R . 16.36 -6.33 16.32
C2 MAN R . 16.51 -7.86 16.41
C3 MAN R . 16.58 -8.34 17.86
C4 MAN R . 17.50 -7.48 18.72
C5 MAN R . 17.23 -5.98 18.49
C6 MAN R . 18.13 -5.06 19.30
O2 MAN R . 17.65 -8.32 15.70
O3 MAN R . 16.99 -9.68 17.87
O4 MAN R . 17.27 -7.82 20.07
O5 MAN R . 17.35 -5.67 17.10
O6 MAN R . 17.40 -3.88 19.59
BR BR S . -14.78 8.12 -7.65
BR BR T . -4.31 14.55 14.03
C1 EDO U . -6.23 8.69 -10.38
O1 EDO U . -5.69 9.05 -11.66
C2 EDO U . -7.23 7.56 -10.52
O2 EDO U . -7.73 7.55 -11.86
C CYN V . 0.00 0.52 -4.59
N CYN V . -0.87 1.18 -5.00
S DMS W . -3.15 2.54 -9.26
O DMS W . -1.77 3.52 -9.88
C1 DMS W . -2.80 1.81 -7.64
C2 DMS W . -3.17 0.96 -10.17
#